data_4Z9K
#
_entry.id   4Z9K
#
_cell.length_a   78.376
_cell.length_b   107.085
_cell.length_c   111.944
_cell.angle_alpha   90.000
_cell.angle_beta   90.000
_cell.angle_gamma   90.000
#
_symmetry.space_group_name_H-M   'C 2 2 21'
#
loop_
_entity.id
_entity.type
_entity.pdbx_description
1 polymer Ricin
2 polymer 'VHH2(F5) antibody'
3 non-polymer 1,2-ETHANEDIOL
4 non-polymer 'ZINC ION'
5 non-polymer 'CHLORIDE ION'
6 water water
#
loop_
_entity_poly.entity_id
_entity_poly.type
_entity_poly.pdbx_seq_one_letter_code
_entity_poly.pdbx_strand_id
1 'polypeptide(L)'
;KQYPIINFTTAGATVQSYTNFIRAVRGRLTTGADVRHEIPVLPNRVGLPINQRFILVELSNHAELSVTLALDVTNAYVVG
YRAGNSAYFFHPDNQEDAEAITHLFTDVQNRYTFAFGGNYDRLEQLAGNLRENIELGNGPLEEAISALYYYSTGGTQLPT
LARSFIICIQMISEAARFQYIEGEMRTRIRYNRRSAPDPSVITLENSWGRLSTAIQESNQGAFASPIQLQRRNGSKFSVY
DVSILIPIIALMVYRCAP
;
A
2 'polypeptide(L)'
;VQLVESGGGLVQPGGSLRLSCAASGFTLDDYAIGWFRQVPGKEREGVACVKDGSTYYADSVKGRFTISRDNGAVYLQMNS
LKPEDTAVYYCASRPCFLGVPLIDFGSWGQGTQVTV
;
B
#
# COMPACT_ATOMS: atom_id res chain seq x y z
N LYS A 1 -7.42 10.54 -10.10
CA LYS A 1 -7.16 11.92 -9.69
C LYS A 1 -8.40 12.76 -9.89
N GLN A 2 -9.26 12.33 -10.81
CA GLN A 2 -10.66 12.72 -10.75
C GLN A 2 -11.36 12.08 -9.54
N TYR A 3 -10.67 11.19 -8.81
CA TYR A 3 -11.12 10.85 -7.46
C TYR A 3 -11.07 12.13 -6.61
N PRO A 4 -11.92 12.25 -5.59
CA PRO A 4 -11.89 13.46 -4.75
C PRO A 4 -10.51 13.64 -4.09
N ILE A 5 -10.06 14.91 -4.01
CA ILE A 5 -8.80 15.27 -3.36
C ILE A 5 -9.04 16.10 -2.09
N ILE A 6 -8.35 15.73 -1.02
CA ILE A 6 -8.37 16.54 0.19
C ILE A 6 -6.94 17.02 0.38
N ASN A 7 -6.76 18.32 0.61
CA ASN A 7 -5.41 18.86 0.78
C ASN A 7 -5.07 19.11 2.23
N PHE A 8 -3.82 18.87 2.61
CA PHE A 8 -3.30 19.30 3.92
C PHE A 8 -1.87 19.79 3.77
N THR A 9 -1.50 20.82 4.54
CA THR A 9 -0.09 21.23 4.55
C THR A 9 0.46 21.25 5.99
N THR A 10 1.69 20.78 6.16
CA THR A 10 2.40 20.91 7.40
C THR A 10 2.96 22.32 7.59
N ALA A 11 2.92 23.16 6.56
CA ALA A 11 3.42 24.54 6.69
C ALA A 11 2.44 25.36 7.47
N GLY A 12 2.71 25.53 8.76
CA GLY A 12 1.83 26.36 9.58
C GLY A 12 0.62 25.55 10.10
N ALA A 13 0.78 24.22 10.13
CA ALA A 13 -0.29 23.35 10.65
C ALA A 13 -0.65 23.76 12.07
N THR A 14 -1.95 23.76 12.33
CA THR A 14 -2.50 24.07 13.65
C THR A 14 -3.44 22.94 14.05
N VAL A 15 -3.82 22.96 15.32
CA VAL A 15 -4.88 22.05 15.78
C VAL A 15 -6.11 22.14 14.88
N GLN A 16 -6.53 23.34 14.59
CA GLN A 16 -7.69 23.65 13.76
C GLN A 16 -7.54 23.11 12.33
N SER A 17 -6.37 23.37 11.71
CA SER A 17 -6.20 22.97 10.31
C SER A 17 -6.14 21.45 10.23
N TYR A 18 -5.56 20.80 11.25
CA TYR A 18 -5.50 19.36 11.22
C TYR A 18 -6.88 18.73 11.47
N THR A 19 -7.62 19.32 12.40
CA THR A 19 -9.00 18.94 12.62
C THR A 19 -9.85 19.08 11.36
N ASN A 20 -9.71 20.19 10.65
CA ASN A 20 -10.50 20.42 9.42
C ASN A 20 -10.19 19.31 8.41
N PHE A 21 -8.90 18.99 8.34
CA PHE A 21 -8.40 18.00 7.40
C PHE A 21 -9.00 16.62 7.72
N ILE A 22 -8.84 16.17 8.94
CA ILE A 22 -9.32 14.80 9.28
C ILE A 22 -10.83 14.77 9.09
N ARG A 23 -11.57 15.80 9.47
CA ARG A 23 -13.03 15.78 9.26
C ARG A 23 -13.37 15.69 7.79
N ALA A 24 -12.59 16.37 6.95
CA ALA A 24 -12.82 16.34 5.50
C ALA A 24 -12.54 14.94 4.94
N VAL A 25 -11.47 14.34 5.42
CA VAL A 25 -11.14 12.95 5.03
C VAL A 25 -12.30 12.01 5.38
N ARG A 26 -12.79 12.12 6.62
CA ARG A 26 -13.92 11.26 7.00
C ARG A 26 -15.10 11.49 6.08
N GLY A 27 -15.39 12.74 5.75
CA GLY A 27 -16.58 13.05 4.96
C GLY A 27 -16.47 12.53 3.52
N ARG A 28 -15.25 12.37 3.02
CA ARG A 28 -15.03 11.81 1.67
C ARG A 28 -14.93 10.27 1.74
N LEU A 29 -14.60 9.71 2.90
CA LEU A 29 -14.55 8.24 3.05
C LEU A 29 -15.94 7.62 3.09
N THR A 30 -16.90 8.31 3.67
CA THR A 30 -18.22 7.74 3.76
C THR A 30 -19.26 8.84 3.85
N THR A 31 -20.46 8.57 3.35
CA THR A 31 -21.58 9.51 3.46
C THR A 31 -22.06 9.60 4.91
N GLY A 32 -21.84 8.56 5.70
CA GLY A 32 -22.34 8.56 7.07
C GLY A 32 -23.81 8.17 7.12
N ALA A 33 -24.39 7.72 6.00
CA ALA A 33 -25.80 7.28 6.03
C ALA A 33 -25.97 6.00 6.84
N ASP A 34 -24.91 5.22 6.93
CA ASP A 34 -24.97 3.93 7.57
C ASP A 34 -24.26 4.06 8.91
N VAL A 35 -25.01 3.96 10.00
CA VAL A 35 -24.46 4.10 11.34
C VAL A 35 -24.97 2.94 12.19
N ARG A 36 -24.09 2.29 12.96
CA ARG A 36 -24.53 1.20 13.84
C ARG A 36 -24.16 1.57 15.27
N HIS A 37 -25.16 1.54 16.16
CA HIS A 37 -24.93 1.88 17.56
C HIS A 37 -24.14 3.18 17.66
N GLU A 38 -24.53 4.17 16.85
CA GLU A 38 -23.94 5.54 16.77
C GLU A 38 -22.60 5.71 15.98
N ILE A 39 -22.04 4.63 15.48
CA ILE A 39 -20.75 4.75 14.78
C ILE A 39 -20.90 4.58 13.27
N PRO A 40 -20.43 5.56 12.50
CA PRO A 40 -20.49 5.44 11.03
C PRO A 40 -19.71 4.22 10.47
N VAL A 41 -20.32 3.62 9.46
CA VAL A 41 -19.72 2.50 8.75
C VAL A 41 -19.24 3.01 7.38
N LEU A 42 -18.08 2.54 6.97
CA LEU A 42 -17.54 2.78 5.60
C LEU A 42 -18.36 2.03 4.57
N PRO A 43 -18.31 2.45 3.30
CA PRO A 43 -19.12 1.73 2.31
C PRO A 43 -18.73 0.27 2.17
N ASN A 44 -19.74 -0.53 1.96
CA ASN A 44 -19.56 -1.94 1.59
C ASN A 44 -18.80 -2.05 0.24
N ARG A 45 -17.76 -2.85 0.22
CA ARG A 45 -17.03 -3.07 -1.03
C ARG A 45 -17.97 -3.69 -2.06
N VAL A 46 -18.88 -4.53 -1.59
CA VAL A 46 -19.84 -5.15 -2.47
C VAL A 46 -20.91 -4.11 -2.78
N GLY A 47 -20.97 -3.69 -4.03
CA GLY A 47 -21.92 -2.66 -4.45
C GLY A 47 -21.20 -1.33 -4.66
N LEU A 48 -19.90 -1.29 -4.44
CA LEU A 48 -19.15 -0.03 -4.57
C LEU A 48 -18.53 0.08 -5.97
N PRO A 49 -18.95 1.07 -6.76
CA PRO A 49 -18.37 1.21 -8.11
C PRO A 49 -16.89 1.65 -8.06
N ILE A 50 -16.10 1.26 -9.05
CA ILE A 50 -14.67 1.57 -9.05
C ILE A 50 -14.43 3.08 -9.08
N ASN A 51 -15.33 3.83 -9.73
CA ASN A 51 -15.12 5.27 -9.74
C ASN A 51 -15.46 5.94 -8.37
N GLN A 52 -15.82 5.15 -7.36
CA GLN A 52 -16.03 5.66 -5.97
C GLN A 52 -15.18 4.94 -4.97
N ARG A 53 -14.16 4.21 -5.44
CA ARG A 53 -13.41 3.32 -4.54
C ARG A 53 -12.33 3.99 -3.71
N PHE A 54 -11.83 5.11 -4.24
CA PHE A 54 -10.65 5.77 -3.65
C PHE A 54 -10.87 7.25 -3.39
N ILE A 55 -10.10 7.73 -2.42
CA ILE A 55 -9.97 9.21 -2.30
C ILE A 55 -8.47 9.51 -2.27
N LEU A 56 -8.16 10.77 -2.58
CA LEU A 56 -6.75 11.18 -2.69
C LEU A 56 -6.47 12.24 -1.62
N VAL A 57 -5.34 12.10 -0.92
CA VAL A 57 -4.93 13.11 0.06
C VAL A 57 -3.63 13.75 -0.46
N GLU A 58 -3.71 15.03 -0.81
CA GLU A 58 -2.49 15.71 -1.31
C GLU A 58 -1.84 16.40 -0.14
N LEU A 59 -0.62 16.00 0.17
CA LEU A 59 0.13 16.57 1.29
C LEU A 59 1.22 17.49 0.79
N SER A 60 1.39 18.66 1.40
N SER A 60 1.32 18.70 1.36
CA SER A 60 2.43 19.59 1.02
CA SER A 60 2.43 19.59 1.03
C SER A 60 3.15 19.97 2.30
C SER A 60 3.15 19.99 2.31
N ASN A 61 4.41 20.45 2.19
CA ASN A 61 5.18 20.82 3.38
C ASN A 61 5.88 22.14 3.21
N HIS A 62 6.70 22.50 4.19
CA HIS A 62 7.31 23.81 4.18
C HIS A 62 8.22 24.05 2.94
N ALA A 63 8.74 22.93 2.41
CA ALA A 63 9.61 22.98 1.25
C ALA A 63 8.80 23.04 -0.05
N GLU A 64 7.47 23.16 0.08
CA GLU A 64 6.58 23.24 -1.11
C GLU A 64 6.67 21.94 -1.94
N LEU A 65 7.08 20.84 -1.30
CA LEU A 65 7.05 19.54 -1.95
C LEU A 65 5.66 18.93 -1.74
N SER A 66 5.13 18.21 -2.74
N SER A 66 5.09 18.31 -2.78
CA SER A 66 3.77 17.69 -2.63
CA SER A 66 3.77 17.72 -2.70
C SER A 66 3.78 16.23 -3.05
C SER A 66 3.81 16.22 -3.07
N VAL A 67 3.08 15.40 -2.32
CA VAL A 67 2.86 13.99 -2.70
C VAL A 67 1.38 13.73 -2.52
N THR A 68 0.85 12.73 -3.23
CA THR A 68 -0.60 12.45 -3.14
C THR A 68 -0.81 11.02 -2.74
N LEU A 69 -1.37 10.79 -1.56
CA LEU A 69 -1.68 9.41 -1.12
C LEU A 69 -3.04 8.99 -1.63
N ALA A 70 -3.18 7.70 -1.90
CA ALA A 70 -4.50 7.16 -2.24
C ALA A 70 -4.98 6.29 -1.09
N LEU A 71 -6.23 6.53 -0.70
CA LEU A 71 -6.87 5.73 0.34
C LEU A 71 -8.05 5.00 -0.25
N ASP A 72 -8.14 3.75 0.25
CA ASP A 72 -9.31 2.90 -0.09
C ASP A 72 -10.49 3.26 0.81
N VAL A 73 -11.64 3.61 0.23
CA VAL A 73 -12.74 4.06 1.08
C VAL A 73 -13.32 2.90 1.85
N THR A 74 -13.01 1.65 1.50
CA THR A 74 -13.68 0.55 2.23
C THR A 74 -12.99 0.32 3.59
N ASN A 75 -11.75 0.75 3.74
CA ASN A 75 -11.07 0.53 5.01
C ASN A 75 -10.25 1.74 5.50
N ALA A 76 -10.37 2.88 4.78
CA ALA A 76 -9.62 4.12 5.08
C ALA A 76 -8.11 4.02 5.02
N TYR A 77 -7.59 2.94 4.45
CA TYR A 77 -6.14 2.71 4.52
C TYR A 77 -5.41 3.11 3.23
N VAL A 78 -4.16 3.50 3.40
CA VAL A 78 -3.31 3.92 2.27
C VAL A 78 -2.93 2.72 1.38
N VAL A 79 -3.18 2.86 0.06
CA VAL A 79 -2.80 1.80 -0.87
C VAL A 79 -1.58 2.18 -1.74
N GLY A 80 -1.19 3.47 -1.74
CA GLY A 80 -0.07 3.87 -2.60
C GLY A 80 -0.01 5.39 -2.69
N TYR A 81 0.88 5.89 -3.54
CA TYR A 81 1.02 7.35 -3.63
C TYR A 81 1.66 7.74 -4.92
N ARG A 82 1.46 9.01 -5.31
CA ARG A 82 2.07 9.57 -6.51
C ARG A 82 2.99 10.74 -6.11
N ALA A 83 4.10 10.85 -6.80
CA ALA A 83 4.96 12.04 -6.69
C ALA A 83 5.43 12.32 -8.11
N GLY A 84 4.98 13.43 -8.69
CA GLY A 84 5.37 13.75 -10.05
C GLY A 84 4.91 12.70 -11.04
N ASN A 85 5.86 12.19 -11.83
CA ASN A 85 5.50 11.27 -12.90
C ASN A 85 5.82 9.82 -12.50
N SER A 86 5.78 9.53 -11.19
CA SER A 86 5.93 8.15 -10.69
C SER A 86 4.87 7.87 -9.63
N ALA A 87 4.44 6.63 -9.54
CA ALA A 87 3.54 6.24 -8.47
C ALA A 87 3.90 4.86 -8.02
N TYR A 88 3.57 4.59 -6.78
CA TYR A 88 4.01 3.38 -6.10
C TYR A 88 2.89 2.82 -5.24
N PHE A 89 2.69 1.50 -5.26
CA PHE A 89 1.59 0.87 -4.54
C PHE A 89 2.07 -0.29 -3.72
N PHE A 90 1.54 -0.41 -2.52
CA PHE A 90 1.79 -1.63 -1.73
C PHE A 90 1.33 -2.82 -2.53
N HIS A 91 1.98 -3.97 -2.25
CA HIS A 91 1.49 -5.18 -2.92
C HIS A 91 0.13 -5.53 -2.32
N PRO A 92 -0.91 -5.63 -3.13
CA PRO A 92 -2.19 -5.91 -2.53
C PRO A 92 -2.34 -7.34 -2.06
N ASP A 93 -3.36 -7.58 -1.23
CA ASP A 93 -3.57 -8.95 -0.72
C ASP A 93 -4.26 -9.92 -1.65
N ASN A 94 -4.94 -9.43 -2.70
CA ASN A 94 -5.69 -10.29 -3.61
C ASN A 94 -5.79 -9.61 -4.99
N GLN A 95 -6.25 -10.36 -5.96
CA GLN A 95 -6.32 -9.91 -7.34
C GLN A 95 -7.36 -8.85 -7.58
N GLU A 96 -8.48 -8.92 -6.87
CA GLU A 96 -9.53 -7.91 -7.03
C GLU A 96 -9.04 -6.56 -6.58
N ASP A 97 -8.34 -6.50 -5.44
CA ASP A 97 -7.84 -5.21 -4.99
C ASP A 97 -6.73 -4.73 -5.91
N ALA A 98 -5.92 -5.66 -6.39
CA ALA A 98 -4.84 -5.23 -7.30
C ALA A 98 -5.45 -4.65 -8.58
N GLU A 99 -6.49 -5.29 -9.13
CA GLU A 99 -7.12 -4.73 -10.31
C GLU A 99 -7.68 -3.31 -10.02
N ALA A 100 -8.31 -3.12 -8.86
CA ALA A 100 -8.86 -1.80 -8.53
C ALA A 100 -7.79 -0.73 -8.53
N ILE A 101 -6.61 -1.07 -8.00
CA ILE A 101 -5.55 -0.11 -7.86
C ILE A 101 -5.02 0.37 -9.23
N THR A 102 -5.19 -0.41 -10.30
CA THR A 102 -4.79 0.07 -11.63
C THR A 102 -5.59 1.29 -12.08
N HIS A 103 -6.68 1.62 -11.36
CA HIS A 103 -7.50 2.78 -11.72
C HIS A 103 -6.95 4.08 -11.10
N LEU A 104 -5.88 3.95 -10.33
CA LEU A 104 -5.22 5.12 -9.68
C LEU A 104 -4.09 5.70 -10.49
N PHE A 105 -4.08 7.02 -10.60
CA PHE A 105 -2.92 7.71 -11.25
C PHE A 105 -2.67 7.18 -12.66
N THR A 106 -3.71 7.05 -13.45
CA THR A 106 -3.60 6.38 -14.75
C THR A 106 -2.82 7.19 -15.80
N ASP A 107 -2.56 8.48 -15.52
CA ASP A 107 -1.79 9.30 -16.45
C ASP A 107 -0.28 9.17 -16.15
N VAL A 108 0.06 8.38 -15.13
CA VAL A 108 1.47 8.14 -14.78
C VAL A 108 2.08 6.95 -15.51
N GLN A 109 3.13 7.14 -16.30
CA GLN A 109 3.76 6.01 -17.01
C GLN A 109 4.45 5.05 -16.03
N ASN A 110 5.13 5.64 -15.05
CA ASN A 110 5.98 4.83 -14.21
C ASN A 110 5.25 4.44 -12.98
N ARG A 111 4.45 3.37 -13.04
CA ARG A 111 3.74 2.86 -11.86
C ARG A 111 4.36 1.55 -11.39
N TYR A 112 4.53 1.41 -10.08
CA TYR A 112 5.24 0.27 -9.53
C TYR A 112 4.47 -0.39 -8.43
N THR A 113 4.63 -1.70 -8.32
CA THR A 113 4.10 -2.46 -7.18
C THR A 113 5.30 -2.84 -6.26
N PHE A 114 5.25 -2.41 -5.00
CA PHE A 114 6.32 -2.77 -4.07
C PHE A 114 6.31 -4.28 -3.79
N ALA A 115 7.43 -4.78 -3.30
CA ALA A 115 7.52 -6.22 -3.06
C ALA A 115 6.68 -6.58 -1.82
N PHE A 116 6.41 -5.57 -1.02
CA PHE A 116 5.82 -5.69 0.28
C PHE A 116 4.42 -5.12 0.34
N GLY A 117 3.64 -5.61 1.30
CA GLY A 117 2.32 -5.05 1.59
C GLY A 117 2.44 -3.89 2.55
N GLY A 118 1.29 -3.26 2.85
CA GLY A 118 1.32 -2.09 3.73
C GLY A 118 0.97 -2.41 5.18
N ASN A 119 0.97 -3.67 5.56
CA ASN A 119 0.69 -3.99 6.98
C ASN A 119 1.85 -3.50 7.85
N TYR A 120 1.52 -3.02 9.06
CA TYR A 120 2.55 -2.50 9.93
C TYR A 120 3.64 -3.47 10.25
N ASP A 121 3.37 -4.76 10.44
CA ASP A 121 4.45 -5.67 10.86
C ASP A 121 5.59 -5.66 9.83
N ARG A 122 5.22 -5.69 8.54
CA ARG A 122 6.24 -5.65 7.51
C ARG A 122 6.85 -4.26 7.36
N LEU A 123 6.03 -3.22 7.41
CA LEU A 123 6.60 -1.86 7.26
C LEU A 123 7.59 -1.59 8.37
N GLU A 124 7.28 -2.02 9.60
CA GLU A 124 8.25 -1.82 10.67
C GLU A 124 9.58 -2.51 10.43
N GLN A 125 9.52 -3.77 9.98
CA GLN A 125 10.76 -4.47 9.65
C GLN A 125 11.58 -3.70 8.62
N LEU A 126 10.91 -3.25 7.57
CA LEU A 126 11.61 -2.49 6.52
C LEU A 126 12.11 -1.15 6.99
N ALA A 127 11.35 -0.51 7.89
CA ALA A 127 11.75 0.80 8.44
C ALA A 127 12.91 0.68 9.36
N GLY A 128 13.14 -0.51 9.91
CA GLY A 128 14.11 -0.65 10.97
C GLY A 128 13.68 -0.15 12.34
N ASN A 129 12.36 0.05 12.48
CA ASN A 129 11.80 0.45 13.77
C ASN A 129 10.31 0.08 13.89
N LEU A 130 9.93 -0.29 15.11
CA LEU A 130 8.52 -0.44 15.48
C LEU A 130 7.79 0.89 15.57
N ARG A 131 6.46 0.86 15.48
CA ARG A 131 5.66 2.04 15.67
C ARG A 131 5.97 2.73 16.99
N GLU A 132 6.22 1.95 18.04
CA GLU A 132 6.49 2.60 19.35
C GLU A 132 7.80 3.34 19.40
N ASN A 133 8.63 3.21 18.38
CA ASN A 133 9.88 3.99 18.36
C ASN A 133 9.94 4.94 17.20
N ILE A 134 8.79 5.24 16.61
CA ILE A 134 8.78 6.18 15.46
C ILE A 134 7.93 7.40 15.88
N GLU A 135 8.57 8.55 15.95
CA GLU A 135 7.84 9.74 16.43
C GLU A 135 6.79 10.22 15.44
N LEU A 136 5.69 10.72 15.98
CA LEU A 136 4.58 11.28 15.19
C LEU A 136 4.43 12.74 15.58
N GLY A 137 3.82 13.51 14.68
CA GLY A 137 3.69 14.94 14.89
C GLY A 137 3.87 15.70 13.59
N ASN A 138 3.81 17.03 13.65
CA ASN A 138 3.95 17.81 12.44
C ASN A 138 5.34 17.66 11.87
N GLY A 139 6.37 17.63 12.71
CA GLY A 139 7.75 17.49 12.20
C GLY A 139 7.93 16.17 11.43
N PRO A 140 7.54 15.04 12.05
CA PRO A 140 7.62 13.77 11.38
C PRO A 140 6.82 13.77 10.07
N LEU A 141 5.64 14.36 10.05
CA LEU A 141 4.86 14.33 8.80
C LEU A 141 5.56 15.19 7.71
N GLU A 142 6.13 16.33 8.09
CA GLU A 142 6.91 17.16 7.15
C GLU A 142 8.03 16.35 6.52
N GLU A 143 8.73 15.61 7.37
CA GLU A 143 9.89 14.81 6.94
C GLU A 143 9.40 13.68 6.05
N ALA A 144 8.28 13.07 6.41
CA ALA A 144 7.75 11.96 5.62
C ALA A 144 7.35 12.39 4.21
N ILE A 145 6.77 13.59 4.09
CA ILE A 145 6.42 14.11 2.77
C ILE A 145 7.67 14.28 1.91
N SER A 146 8.72 14.89 2.48
CA SER A 146 9.92 15.04 1.66
C SER A 146 10.47 13.66 1.30
N ALA A 147 10.48 12.73 2.24
CA ALA A 147 11.02 11.41 1.90
C ALA A 147 10.24 10.72 0.77
N LEU A 148 8.92 10.75 0.86
CA LEU A 148 8.10 10.19 -0.22
CA LEU A 148 8.09 10.19 -0.21
C LEU A 148 8.40 10.90 -1.53
N TYR A 149 8.57 12.22 -1.50
CA TYR A 149 8.82 12.96 -2.69
C TYR A 149 10.13 12.55 -3.38
N TYR A 150 11.19 12.40 -2.62
CA TYR A 150 12.50 12.16 -3.22
C TYR A 150 12.73 10.67 -3.53
N TYR A 151 11.81 9.82 -3.17
CA TYR A 151 12.01 8.38 -3.46
C TYR A 151 12.13 8.14 -4.96
N SER A 152 11.38 8.85 -5.83
CA SER A 152 11.47 8.53 -7.26
C SER A 152 12.79 8.95 -7.90
N THR A 153 13.49 9.87 -7.26
CA THR A 153 14.74 10.30 -7.86
C THR A 153 15.95 9.78 -7.13
N GLY A 154 15.75 8.77 -6.28
CA GLY A 154 16.87 8.07 -5.68
C GLY A 154 17.39 8.69 -4.39
N GLY A 155 16.70 9.67 -3.84
CA GLY A 155 17.22 10.35 -2.68
C GLY A 155 16.79 9.77 -1.35
N THR A 156 15.89 8.77 -1.40
CA THR A 156 15.35 8.18 -0.17
C THR A 156 15.59 6.67 -0.15
N GLN A 157 16.25 6.21 0.91
CA GLN A 157 16.44 4.77 1.08
C GLN A 157 15.17 4.10 1.57
N LEU A 158 15.05 2.80 1.33
CA LEU A 158 13.83 2.08 1.71
C LEU A 158 13.48 2.22 3.19
N PRO A 159 14.45 2.12 4.11
CA PRO A 159 14.00 2.25 5.52
C PRO A 159 13.32 3.59 5.82
N THR A 160 13.84 4.67 5.26
CA THR A 160 13.21 5.96 5.48
C THR A 160 11.86 6.06 4.79
N LEU A 161 11.73 5.41 3.62
CA LEU A 161 10.43 5.35 2.97
C LEU A 161 9.41 4.63 3.81
N ALA A 162 9.80 3.49 4.34
CA ALA A 162 8.84 2.68 5.14
C ALA A 162 8.44 3.43 6.41
N ARG A 163 9.42 4.07 7.05
N ARG A 163 9.42 4.08 7.04
CA ARG A 163 9.14 4.90 8.22
CA ARG A 163 9.13 4.86 8.22
C ARG A 163 8.13 5.95 7.86
C ARG A 163 8.15 5.97 7.88
N SER A 164 8.34 6.57 6.71
CA SER A 164 7.48 7.66 6.27
C SER A 164 6.03 7.16 6.00
N PHE A 165 5.88 5.96 5.42
CA PHE A 165 4.55 5.37 5.30
C PHE A 165 3.91 5.15 6.69
N ILE A 166 4.69 4.66 7.65
CA ILE A 166 4.11 4.43 8.98
C ILE A 166 3.60 5.72 9.59
N ILE A 167 4.34 6.81 9.38
CA ILE A 167 3.92 8.12 9.91
C ILE A 167 2.63 8.54 9.22
N CYS A 168 2.57 8.49 7.89
CA CYS A 168 1.40 8.99 7.14
C CYS A 168 0.15 8.14 7.43
N ILE A 169 0.33 6.82 7.47
CA ILE A 169 -0.83 5.98 7.72
C ILE A 169 -1.42 6.27 9.09
N GLN A 170 -0.58 6.50 10.11
CA GLN A 170 -1.16 6.74 11.42
C GLN A 170 -1.78 8.12 11.52
N MET A 171 -1.13 9.12 10.94
CA MET A 171 -1.62 10.47 11.13
C MET A 171 -2.83 10.80 10.24
N ILE A 172 -3.08 9.94 9.23
CA ILE A 172 -4.16 10.18 8.29
C ILE A 172 -5.21 9.05 8.44
N SER A 173 -4.87 7.82 8.09
CA SER A 173 -5.86 6.72 8.13
C SER A 173 -6.29 6.41 9.55
N GLU A 174 -5.34 6.25 10.47
CA GLU A 174 -5.76 5.84 11.81
C GLU A 174 -6.49 7.02 12.50
N ALA A 175 -6.03 8.25 12.25
CA ALA A 175 -6.69 9.41 12.81
C ALA A 175 -8.10 9.52 12.26
N ALA A 176 -8.32 9.26 10.97
CA ALA A 176 -9.70 9.24 10.46
C ALA A 176 -10.57 8.16 11.12
N ARG A 177 -9.98 6.99 11.33
CA ARG A 177 -10.68 5.87 11.98
C ARG A 177 -11.04 6.11 13.41
N PHE A 178 -10.19 6.84 14.14
CA PHE A 178 -10.34 6.96 15.59
C PHE A 178 -10.24 8.39 16.04
N GLN A 179 -11.30 8.94 16.63
CA GLN A 179 -11.16 10.30 17.23
C GLN A 179 -10.06 10.29 18.28
N TYR A 180 -9.87 9.17 18.95
CA TYR A 180 -8.81 9.10 19.97
C TYR A 180 -7.45 9.38 19.38
N ILE A 181 -7.20 8.80 18.20
CA ILE A 181 -5.89 8.96 17.60
C ILE A 181 -5.79 10.35 16.98
N GLU A 182 -6.89 10.85 16.41
CA GLU A 182 -6.94 12.26 15.99
C GLU A 182 -6.53 13.17 17.17
N GLY A 183 -7.10 12.88 18.34
CA GLY A 183 -6.77 13.71 19.52
C GLY A 183 -5.33 13.60 19.95
N GLU A 184 -4.76 12.39 19.85
CA GLU A 184 -3.34 12.21 20.14
C GLU A 184 -2.48 13.07 19.22
N MET A 185 -2.91 13.22 17.96
CA MET A 185 -2.13 14.06 17.03
C MET A 185 -2.38 15.52 17.28
N ARG A 186 -3.61 15.87 17.68
CA ARG A 186 -3.94 17.26 18.00
C ARG A 186 -3.11 17.74 19.18
N THR A 187 -2.92 16.86 20.18
CA THR A 187 -2.09 17.21 21.34
C THR A 187 -0.64 17.45 20.91
N ARG A 188 -0.11 16.60 20.05
CA ARG A 188 1.26 16.80 19.59
C ARG A 188 1.37 18.14 18.84
N ILE A 189 0.41 18.43 17.99
CA ILE A 189 0.47 19.66 17.23
C ILE A 189 0.34 20.86 18.14
N ARG A 190 -0.57 20.80 19.11
CA ARG A 190 -0.81 21.90 20.02
C ARG A 190 0.42 22.32 20.77
N TYR A 191 1.20 21.34 21.18
CA TYR A 191 2.34 21.66 22.05
C TYR A 191 3.65 21.56 21.28
N ASN A 192 3.56 21.50 19.95
CA ASN A 192 4.72 21.45 19.07
C ASN A 192 5.69 20.37 19.50
N ARG A 193 5.09 19.20 19.71
CA ARG A 193 5.74 18.01 20.18
C ARG A 193 5.83 16.96 19.08
N ARG A 194 6.90 16.15 19.12
CA ARG A 194 6.94 14.92 18.33
C ARG A 194 7.21 13.78 19.32
N SER A 195 6.41 12.74 19.22
CA SER A 195 6.63 11.61 20.13
C SER A 195 5.95 10.40 19.54
N ALA A 196 6.47 9.25 19.93
CA ALA A 196 5.89 7.98 19.41
C ALA A 196 4.58 7.63 20.09
N PRO A 197 3.73 6.84 19.40
CA PRO A 197 2.47 6.42 20.01
C PRO A 197 2.68 5.39 21.11
N ASP A 198 1.82 5.44 22.13
CA ASP A 198 1.96 4.52 23.24
C ASP A 198 1.04 3.30 22.99
N PRO A 199 1.10 2.30 23.88
CA PRO A 199 0.31 1.08 23.65
C PRO A 199 -1.20 1.32 23.46
N SER A 200 -1.78 2.38 24.06
CA SER A 200 -3.21 2.61 23.86
C SER A 200 -3.51 2.89 22.38
N VAL A 201 -2.62 3.61 21.70
CA VAL A 201 -2.82 3.91 20.31
C VAL A 201 -2.50 2.66 19.45
N ILE A 202 -1.41 1.94 19.79
CA ILE A 202 -0.98 0.80 18.99
C ILE A 202 -2.05 -0.27 19.01
N THR A 203 -2.65 -0.55 20.17
CA THR A 203 -3.63 -1.63 20.24
C THR A 203 -4.95 -1.24 19.59
N LEU A 204 -5.37 0.02 19.68
CA LEU A 204 -6.53 0.45 18.87
C LEU A 204 -6.27 0.21 17.38
N GLU A 205 -5.12 0.67 16.86
CA GLU A 205 -4.79 0.44 15.44
C GLU A 205 -4.88 -1.05 15.12
N ASN A 206 -4.25 -1.86 15.96
CA ASN A 206 -4.22 -3.32 15.71
C ASN A 206 -5.61 -3.95 15.70
N SER A 207 -6.50 -3.41 16.52
CA SER A 207 -7.81 -4.00 16.78
C SER A 207 -8.96 -3.37 16.01
N TRP A 208 -8.66 -2.49 15.08
CA TRP A 208 -9.73 -1.76 14.40
C TRP A 208 -10.75 -2.71 13.69
N GLY A 209 -10.21 -3.72 13.01
CA GLY A 209 -11.07 -4.72 12.38
C GLY A 209 -11.89 -5.48 13.39
N ARG A 210 -11.27 -5.95 14.47
CA ARG A 210 -11.95 -6.68 15.48
C ARG A 210 -13.06 -5.86 16.19
N LEU A 211 -12.75 -4.58 16.44
CA LEU A 211 -13.75 -3.68 17.01
C LEU A 211 -14.94 -3.48 16.06
N SER A 212 -14.65 -3.34 14.75
CA SER A 212 -15.72 -3.15 13.74
C SER A 212 -16.65 -4.37 13.77
N THR A 213 -16.05 -5.55 13.76
CA THR A 213 -16.82 -6.78 13.86
C THR A 213 -17.62 -6.87 15.16
N ALA A 214 -16.98 -6.61 16.31
CA ALA A 214 -17.69 -6.74 17.59
C ALA A 214 -18.91 -5.80 17.71
N ILE A 215 -18.73 -4.58 17.24
CA ILE A 215 -19.80 -3.61 17.30
C ILE A 215 -20.91 -4.03 16.38
N GLN A 216 -20.57 -4.47 15.17
CA GLN A 216 -21.68 -4.81 14.24
C GLN A 216 -22.39 -6.11 14.55
N GLU A 217 -21.73 -7.02 15.26
CA GLU A 217 -22.33 -8.28 15.66
C GLU A 217 -22.94 -8.21 17.06
N SER A 218 -22.91 -7.04 17.66
CA SER A 218 -23.35 -6.92 19.05
C SER A 218 -24.85 -7.05 19.19
N ASN A 219 -25.29 -7.31 20.43
CA ASN A 219 -26.70 -7.28 20.71
C ASN A 219 -27.05 -5.95 21.34
N GLN A 220 -27.58 -5.05 20.52
CA GLN A 220 -27.94 -3.73 20.99
C GLN A 220 -26.71 -3.07 21.66
N GLY A 221 -25.54 -3.40 21.16
CA GLY A 221 -24.32 -2.75 21.63
C GLY A 221 -23.50 -3.60 22.57
N ALA A 222 -24.09 -4.66 23.12
CA ALA A 222 -23.36 -5.54 24.03
C ALA A 222 -22.63 -6.60 23.22
N PHE A 223 -21.31 -6.70 23.42
CA PHE A 223 -20.44 -7.58 22.62
C PHE A 223 -20.70 -9.01 22.98
N ALA A 224 -20.67 -9.88 21.98
CA ALA A 224 -20.78 -11.31 22.25
C ALA A 224 -19.51 -11.84 22.93
N SER A 225 -18.38 -11.26 22.54
CA SER A 225 -17.04 -11.59 23.04
C SER A 225 -16.30 -10.27 23.33
N PRO A 226 -15.62 -10.18 24.47
CA PRO A 226 -14.84 -8.96 24.76
C PRO A 226 -13.70 -8.77 23.81
N ILE A 227 -13.38 -7.49 23.56
CA ILE A 227 -12.21 -7.15 22.78
C ILE A 227 -11.13 -6.60 23.68
N GLN A 228 -9.94 -7.13 23.56
CA GLN A 228 -8.85 -6.69 24.44
C GLN A 228 -8.02 -5.57 23.85
N LEU A 229 -7.69 -4.59 24.69
CA LEU A 229 -6.86 -3.45 24.31
C LEU A 229 -5.84 -3.23 25.42
N GLN A 230 -4.93 -2.28 25.21
CA GLN A 230 -4.01 -1.90 26.30
C GLN A 230 -4.15 -0.45 26.68
N ARG A 231 -3.90 -0.18 27.97
CA ARG A 231 -3.84 1.17 28.51
CA ARG A 231 -3.88 1.18 28.45
C ARG A 231 -2.54 1.84 28.08
N ARG A 232 -2.38 3.14 28.38
CA ARG A 232 -1.10 3.78 28.06
C ARG A 232 0.12 3.10 28.71
N ASN A 233 -0.03 2.49 29.90
CA ASN A 233 1.09 1.84 30.58
C ASN A 233 1.28 0.37 30.13
N GLY A 234 0.54 -0.04 29.12
CA GLY A 234 0.65 -1.37 28.54
C GLY A 234 -0.19 -2.44 29.23
N SER A 235 -0.92 -2.12 30.29
CA SER A 235 -1.77 -3.12 30.98
C SER A 235 -2.98 -3.46 30.10
N LYS A 236 -3.40 -4.73 30.12
CA LYS A 236 -4.47 -5.15 29.21
C LYS A 236 -5.83 -4.87 29.89
N PHE A 237 -6.82 -4.51 29.07
CA PHE A 237 -8.15 -4.40 29.60
C PHE A 237 -9.13 -4.84 28.52
N SER A 238 -10.36 -5.07 28.97
CA SER A 238 -11.37 -5.58 28.03
C SER A 238 -12.51 -4.62 27.81
N VAL A 239 -12.97 -4.58 26.57
CA VAL A 239 -14.17 -3.80 26.21
C VAL A 239 -15.29 -4.76 25.95
N TYR A 240 -16.44 -4.50 26.53
CA TYR A 240 -17.57 -5.43 26.53
C TYR A 240 -18.79 -4.83 25.82
N ASP A 241 -18.73 -3.54 25.48
CA ASP A 241 -19.84 -3.00 24.70
C ASP A 241 -19.51 -1.65 24.09
N VAL A 242 -20.37 -1.20 23.17
CA VAL A 242 -20.00 -0.12 22.27
C VAL A 242 -19.96 1.22 23.00
N SER A 243 -20.69 1.35 24.11
CA SER A 243 -20.87 2.69 24.71
C SER A 243 -19.52 3.30 25.04
N ILE A 244 -18.55 2.53 25.51
CA ILE A 244 -17.28 3.15 25.89
C ILE A 244 -16.45 3.55 24.66
N LEU A 245 -16.81 3.03 23.50
CA LEU A 245 -16.09 3.32 22.28
C LEU A 245 -16.67 4.50 21.49
N ILE A 246 -17.83 5.03 21.87
CA ILE A 246 -18.42 6.09 21.06
C ILE A 246 -17.51 7.36 20.96
N PRO A 247 -16.75 7.73 22.02
CA PRO A 247 -15.82 8.87 21.89
C PRO A 247 -14.52 8.49 21.21
N ILE A 248 -14.34 7.21 20.91
CA ILE A 248 -13.04 6.67 20.56
C ILE A 248 -12.92 6.31 19.08
N ILE A 249 -13.93 5.62 18.55
CA ILE A 249 -13.84 5.07 17.17
C ILE A 249 -14.83 5.83 16.27
N ALA A 250 -14.35 6.31 15.12
CA ALA A 250 -15.12 7.22 14.27
C ALA A 250 -15.68 6.57 13.00
N LEU A 251 -15.07 5.45 12.59
CA LEU A 251 -15.38 4.80 11.30
C LEU A 251 -15.18 3.30 11.55
N MET A 252 -16.02 2.47 10.93
CA MET A 252 -15.81 1.04 10.94
C MET A 252 -15.80 0.45 9.52
N VAL A 253 -15.06 -0.65 9.33
CA VAL A 253 -15.15 -1.38 8.07
C VAL A 253 -16.49 -2.10 8.07
N TYR A 254 -17.15 -2.10 6.93
CA TYR A 254 -18.43 -2.80 6.80
C TYR A 254 -18.28 -4.32 7.01
N ARG A 255 -19.10 -4.88 7.89
CA ARG A 255 -19.01 -6.34 8.14
C ARG A 255 -20.28 -7.07 7.76
N CYS A 256 -21.41 -6.47 8.09
CA CYS A 256 -22.70 -7.10 7.73
C CYS A 256 -23.73 -6.00 7.55
N ALA A 257 -24.88 -6.34 6.99
CA ALA A 257 -26.01 -5.40 6.87
C ALA A 257 -26.59 -5.04 8.24
N PRO A 258 -27.15 -3.83 8.37
CA PRO A 258 -27.70 -3.36 9.65
C PRO A 258 -28.90 -4.20 10.07
N VAL B 1 10.38 3.67 -20.16
CA VAL B 1 10.33 2.86 -18.95
C VAL B 1 11.76 2.54 -18.48
N GLN B 2 11.85 2.27 -17.20
CA GLN B 2 13.11 2.12 -16.52
C GLN B 2 13.59 0.68 -16.44
N LEU B 3 12.65 -0.28 -16.48
CA LEU B 3 13.03 -1.68 -16.36
C LEU B 3 13.31 -2.22 -17.72
N VAL B 4 14.54 -2.69 -17.93
CA VAL B 4 14.99 -3.10 -19.25
C VAL B 4 15.38 -4.58 -19.33
N GLU B 5 14.93 -5.29 -20.36
CA GLU B 5 15.22 -6.70 -20.56
C GLU B 5 16.46 -6.91 -21.36
N SER B 6 17.24 -7.92 -21.02
CA SER B 6 18.34 -8.33 -21.89
C SER B 6 18.52 -9.84 -21.79
N GLY B 7 19.30 -10.39 -22.71
CA GLY B 7 19.73 -11.76 -22.63
C GLY B 7 19.05 -12.70 -23.61
N GLY B 8 18.13 -12.19 -24.41
CA GLY B 8 17.44 -13.00 -25.41
C GLY B 8 18.34 -13.53 -26.51
N GLY B 9 17.89 -14.55 -27.22
CA GLY B 9 18.70 -15.10 -28.29
C GLY B 9 18.12 -16.39 -28.80
N LEU B 10 18.95 -17.13 -29.53
CA LEU B 10 18.57 -18.36 -30.25
C LEU B 10 19.18 -19.57 -29.58
N VAL B 11 18.37 -20.56 -29.24
CA VAL B 11 18.90 -21.83 -28.75
C VAL B 11 18.19 -22.99 -29.39
N GLN B 12 18.79 -24.17 -29.26
CA GLN B 12 18.13 -25.40 -29.69
C GLN B 12 17.27 -25.98 -28.57
N PRO B 13 16.36 -26.91 -28.91
CA PRO B 13 15.59 -27.53 -27.82
C PRO B 13 16.50 -28.19 -26.81
N GLY B 14 16.12 -28.15 -25.55
CA GLY B 14 16.94 -28.71 -24.49
C GLY B 14 17.88 -27.64 -23.96
N GLY B 15 18.00 -26.57 -24.73
CA GLY B 15 18.98 -25.52 -24.47
C GLY B 15 18.68 -24.64 -23.27
N SER B 16 19.41 -23.53 -23.17
CA SER B 16 19.32 -22.67 -21.99
C SER B 16 19.57 -21.20 -22.31
N LEU B 17 18.91 -20.32 -21.56
CA LEU B 17 19.19 -18.88 -21.63
C LEU B 17 18.96 -18.29 -20.26
N ARG B 18 19.62 -17.15 -20.00
CA ARG B 18 19.31 -16.40 -18.80
C ARG B 18 18.91 -14.99 -19.20
N LEU B 19 17.68 -14.59 -18.88
CA LEU B 19 17.28 -13.21 -19.14
C LEU B 19 17.51 -12.35 -17.91
N SER B 20 17.76 -11.06 -18.15
CA SER B 20 17.94 -10.08 -17.08
C SER B 20 16.94 -8.95 -17.19
N CYS B 21 16.42 -8.57 -16.03
CA CYS B 21 15.60 -7.38 -15.85
C CYS B 21 16.36 -6.45 -14.91
N ALA B 22 16.65 -5.21 -15.35
CA ALA B 22 17.37 -4.27 -14.49
C ALA B 22 17.04 -2.83 -14.85
N ALA B 23 17.36 -1.93 -13.92
CA ALA B 23 17.30 -0.51 -14.16
C ALA B 23 18.67 0.05 -13.90
N SER B 24 19.08 1.03 -14.69
CA SER B 24 20.42 1.61 -14.56
C SER B 24 20.56 2.47 -13.29
N GLY B 25 19.48 3.05 -12.80
CA GLY B 25 19.56 4.02 -11.71
C GLY B 25 19.12 3.55 -10.34
N PHE B 26 18.61 2.32 -10.25
CA PHE B 26 18.10 1.86 -8.98
C PHE B 26 18.01 0.32 -8.91
N THR B 27 17.96 -0.20 -7.69
CA THR B 27 17.83 -1.66 -7.49
C THR B 27 16.38 -2.07 -7.66
N LEU B 28 16.16 -3.27 -8.22
CA LEU B 28 14.77 -3.77 -8.28
C LEU B 28 14.35 -4.53 -7.01
N ASP B 29 15.27 -4.62 -6.01
CA ASP B 29 14.89 -5.36 -4.76
C ASP B 29 13.61 -4.91 -4.07
N ASP B 30 13.28 -3.63 -4.17
CA ASP B 30 12.18 -3.04 -3.46
C ASP B 30 10.84 -3.38 -4.12
N TYR B 31 10.85 -3.94 -5.33
CA TYR B 31 9.63 -4.06 -6.14
C TYR B 31 9.23 -5.50 -6.39
N ALA B 32 7.92 -5.75 -6.49
CA ALA B 32 7.43 -7.00 -7.08
C ALA B 32 7.69 -6.95 -8.59
N ILE B 33 8.26 -8.02 -9.14
CA ILE B 33 8.72 -8.02 -10.53
C ILE B 33 8.16 -9.29 -11.16
N GLY B 34 7.62 -9.17 -12.39
CA GLY B 34 7.24 -10.38 -13.11
C GLY B 34 7.90 -10.40 -14.47
N TRP B 35 8.08 -11.63 -14.95
CA TRP B 35 8.46 -11.92 -16.32
C TRP B 35 7.20 -12.38 -17.04
N PHE B 36 6.99 -11.83 -18.21
CA PHE B 36 5.81 -12.10 -19.05
C PHE B 36 6.31 -12.44 -20.45
N ARG B 37 5.51 -13.21 -21.19
CA ARG B 37 5.81 -13.76 -22.52
C ARG B 37 4.78 -13.24 -23.52
N GLN B 38 5.13 -12.95 -24.76
CA GLN B 38 4.06 -12.65 -25.69
C GLN B 38 4.33 -13.29 -27.02
N VAL B 39 3.54 -14.25 -27.43
CA VAL B 39 3.96 -14.81 -28.71
C VAL B 39 3.09 -14.09 -29.73
N PRO B 40 3.55 -14.08 -30.99
CA PRO B 40 2.96 -13.22 -32.00
C PRO B 40 1.55 -13.66 -32.26
N GLY B 41 0.68 -12.70 -32.10
CA GLY B 41 -0.69 -12.94 -32.42
C GLY B 41 -1.51 -13.09 -31.18
N LYS B 42 -0.89 -13.17 -30.00
CA LYS B 42 -1.65 -13.11 -28.74
C LYS B 42 -1.30 -11.89 -27.92
N GLU B 43 -1.50 -12.04 -26.59
CA GLU B 43 -1.35 -11.01 -25.55
C GLU B 43 -0.40 -11.49 -24.38
N ARG B 44 0.19 -10.62 -23.54
CA ARG B 44 1.27 -11.05 -22.63
C ARG B 44 0.87 -12.03 -21.54
N GLU B 45 1.62 -13.11 -21.41
CA GLU B 45 1.28 -14.08 -20.37
C GLU B 45 2.28 -14.19 -19.25
N GLY B 46 1.79 -14.24 -18.03
CA GLY B 46 2.68 -14.40 -16.90
C GLY B 46 3.51 -15.64 -17.03
N VAL B 47 4.83 -15.49 -16.81
CA VAL B 47 5.72 -16.63 -16.81
C VAL B 47 6.14 -16.94 -15.38
N ALA B 48 6.63 -15.93 -14.66
CA ALA B 48 7.16 -16.10 -13.32
C ALA B 48 7.14 -14.75 -12.63
N CYS B 49 6.99 -14.73 -11.32
CA CYS B 49 7.03 -13.46 -10.64
C CYS B 49 7.56 -13.64 -9.21
N VAL B 50 8.11 -12.55 -8.66
CA VAL B 50 8.59 -12.53 -7.29
CA VAL B 50 8.61 -12.52 -7.30
C VAL B 50 8.01 -11.36 -6.52
N LYS B 51 7.62 -11.62 -5.26
CA LYS B 51 7.32 -10.56 -4.30
C LYS B 51 7.91 -11.00 -2.92
N ASP B 52 7.68 -10.20 -1.89
CA ASP B 52 8.15 -10.61 -0.55
C ASP B 52 7.52 -11.92 -0.14
N GLY B 53 8.32 -12.95 0.07
CA GLY B 53 7.80 -14.18 0.61
C GLY B 53 7.19 -15.18 -0.37
N SER B 54 7.18 -14.87 -1.66
CA SER B 54 6.51 -15.73 -2.64
C SER B 54 7.15 -15.67 -4.00
N THR B 55 7.21 -16.82 -4.65
CA THR B 55 7.53 -16.89 -6.04
C THR B 55 6.46 -17.75 -6.71
N TYR B 56 6.01 -17.32 -7.87
CA TYR B 56 5.03 -18.16 -8.63
C TYR B 56 5.43 -18.34 -10.06
N TYR B 57 5.06 -19.50 -10.62
CA TYR B 57 5.35 -19.83 -12.01
C TYR B 57 4.10 -20.22 -12.77
N ALA B 58 4.07 -19.92 -14.06
CA ALA B 58 3.09 -20.57 -14.95
C ALA B 58 3.26 -22.08 -14.96
N ASP B 59 2.15 -22.82 -15.01
CA ASP B 59 2.27 -24.28 -15.15
C ASP B 59 3.16 -24.71 -16.31
N SER B 60 3.06 -24.02 -17.47
CA SER B 60 3.89 -24.34 -18.67
C SER B 60 5.37 -24.49 -18.36
N VAL B 61 5.87 -23.69 -17.41
CA VAL B 61 7.31 -23.58 -17.22
C VAL B 61 7.81 -24.14 -15.89
N LYS B 62 6.88 -24.63 -15.06
CA LYS B 62 7.26 -25.24 -13.81
C LYS B 62 8.37 -26.26 -13.97
N GLY B 63 9.36 -26.17 -13.10
CA GLY B 63 10.47 -27.08 -13.05
C GLY B 63 11.46 -26.88 -14.16
N ARG B 64 11.16 -25.95 -15.07
CA ARG B 64 12.10 -25.63 -16.16
C ARG B 64 12.70 -24.22 -16.04
N PHE B 65 11.85 -23.26 -15.67
CA PHE B 65 12.31 -21.87 -15.47
C PHE B 65 12.48 -21.53 -14.00
N THR B 66 13.33 -20.54 -13.75
CA THR B 66 13.62 -20.12 -12.41
C THR B 66 13.71 -18.60 -12.41
N ILE B 67 13.01 -17.97 -11.50
CA ILE B 67 13.15 -16.52 -11.35
C ILE B 67 13.89 -16.24 -10.06
N SER B 68 14.82 -15.26 -10.06
CA SER B 68 15.57 -15.01 -8.86
C SER B 68 16.08 -13.57 -8.85
N ARG B 69 16.49 -13.12 -7.68
CA ARG B 69 17.09 -11.77 -7.54
C ARG B 69 18.59 -11.89 -7.33
N ASP B 70 19.38 -11.01 -7.98
CA ASP B 70 20.83 -10.95 -7.75
C ASP B 70 21.27 -9.60 -8.34
N ASN B 71 22.32 -8.95 -7.81
CA ASN B 71 22.95 -7.79 -8.51
C ASN B 71 21.97 -6.60 -8.69
N GLY B 72 20.89 -6.55 -7.89
CA GLY B 72 19.83 -5.56 -7.96
C GLY B 72 18.93 -5.75 -9.18
N ALA B 73 19.05 -6.92 -9.80
CA ALA B 73 18.30 -7.27 -11.01
C ALA B 73 17.37 -8.43 -10.68
N VAL B 74 16.55 -8.81 -11.65
CA VAL B 74 15.74 -10.02 -11.49
C VAL B 74 15.99 -10.86 -12.74
N TYR B 75 16.42 -12.09 -12.53
CA TYR B 75 16.76 -12.98 -13.65
C TYR B 75 15.74 -14.08 -13.88
N LEU B 76 15.65 -14.47 -15.13
CA LEU B 76 14.84 -15.63 -15.51
C LEU B 76 15.77 -16.66 -16.12
N GLN B 77 16.07 -17.69 -15.35
CA GLN B 77 16.88 -18.78 -15.92
C GLN B 77 15.96 -19.73 -16.62
N MET B 78 16.15 -19.87 -17.93
CA MET B 78 15.31 -20.77 -18.74
C MET B 78 16.08 -22.02 -19.18
N ASN B 79 15.70 -23.16 -18.60
CA ASN B 79 16.29 -24.45 -19.00
C ASN B 79 15.32 -25.34 -19.73
N SER B 80 15.85 -26.44 -20.30
CA SER B 80 15.08 -27.41 -21.07
C SER B 80 14.10 -26.70 -21.99
N LEU B 81 14.60 -25.72 -22.72
CA LEU B 81 13.73 -24.90 -23.56
C LEU B 81 13.04 -25.75 -24.60
N LYS B 82 11.77 -25.46 -24.84
CA LYS B 82 10.97 -26.13 -25.88
C LYS B 82 10.64 -25.08 -26.93
N PRO B 83 10.28 -25.50 -28.16
CA PRO B 83 9.88 -24.52 -29.18
C PRO B 83 8.68 -23.73 -28.71
N GLU B 84 7.91 -24.31 -27.79
CA GLU B 84 6.71 -23.68 -27.30
C GLU B 84 7.06 -22.44 -26.44
N ASP B 85 8.33 -22.32 -26.08
CA ASP B 85 8.84 -21.22 -25.25
C ASP B 85 9.28 -19.99 -26.07
N THR B 86 9.34 -20.10 -27.39
CA THR B 86 9.64 -18.99 -28.32
C THR B 86 8.66 -17.80 -28.18
N ALA B 87 9.16 -16.59 -27.88
CA ALA B 87 8.32 -15.39 -27.69
C ALA B 87 9.19 -14.18 -27.42
N VAL B 88 8.59 -12.98 -27.43
CA VAL B 88 9.20 -11.81 -26.79
C VAL B 88 8.90 -11.77 -25.29
N TYR B 89 9.99 -11.66 -24.52
CA TYR B 89 9.87 -11.70 -23.05
C TYR B 89 10.02 -10.28 -22.49
N TYR B 90 9.14 -9.98 -21.54
CA TYR B 90 9.03 -8.65 -20.98
C TYR B 90 9.13 -8.74 -19.47
N CYS B 91 9.79 -7.79 -18.84
CA CYS B 91 9.68 -7.70 -17.39
C CYS B 91 9.00 -6.41 -16.95
N ALA B 92 8.39 -6.41 -15.76
CA ALA B 92 7.72 -5.22 -15.27
C ALA B 92 7.47 -5.36 -13.80
N SER B 93 7.20 -4.25 -13.15
CA SER B 93 6.77 -4.28 -11.75
C SER B 93 5.27 -4.39 -11.71
N ARG B 94 4.79 -5.54 -11.24
CA ARG B 94 3.36 -5.87 -11.33
C ARG B 94 3.10 -6.77 -10.15
N PRO B 95 1.84 -6.90 -9.75
CA PRO B 95 1.51 -7.82 -8.67
C PRO B 95 1.81 -9.27 -9.02
N CYS B 96 2.15 -10.01 -7.98
CA CYS B 96 2.57 -11.40 -8.09
C CYS B 96 1.62 -12.32 -7.35
N PHE B 97 0.91 -13.15 -8.11
CA PHE B 97 -0.08 -14.08 -7.54
C PHE B 97 0.05 -15.44 -8.18
N LEU B 98 -0.62 -16.41 -7.57
CA LEU B 98 -0.66 -17.76 -8.02
C LEU B 98 -1.12 -17.83 -9.50
N GLY B 99 -0.39 -18.53 -10.35
CA GLY B 99 -0.73 -18.61 -11.77
C GLY B 99 -0.17 -17.46 -12.62
N VAL B 100 0.53 -16.54 -11.95
CA VAL B 100 1.10 -15.30 -12.56
C VAL B 100 0.11 -14.60 -13.51
N PRO B 101 -1.07 -14.21 -12.99
CA PRO B 101 -1.94 -13.35 -13.81
C PRO B 101 -1.27 -12.03 -14.10
N LEU B 102 -1.57 -11.47 -15.28
CA LEU B 102 -1.15 -10.10 -15.55
C LEU B 102 -2.21 -9.12 -15.12
N ILE B 103 -1.89 -8.29 -14.16
CA ILE B 103 -2.80 -7.22 -13.73
C ILE B 103 -2.04 -5.97 -14.10
N ASP B 104 -2.38 -5.40 -15.24
CA ASP B 104 -1.43 -4.52 -15.96
C ASP B 104 -1.56 -3.04 -15.61
N PHE B 105 -0.44 -2.37 -15.45
CA PHE B 105 -0.43 -0.92 -15.39
C PHE B 105 -0.30 -0.33 -16.78
N GLY B 106 0.10 -1.14 -17.75
CA GLY B 106 0.12 -0.73 -19.15
C GLY B 106 1.42 -0.19 -19.74
N SER B 107 2.46 -0.01 -18.92
CA SER B 107 3.73 0.50 -19.47
C SER B 107 4.78 -0.58 -19.61
N TRP B 108 5.21 -0.76 -20.84
CA TRP B 108 6.18 -1.75 -21.20
C TRP B 108 7.29 -1.17 -22.05
N GLY B 109 8.39 -1.89 -22.18
CA GLY B 109 9.50 -1.45 -23.01
C GLY B 109 9.70 -2.43 -24.14
N GLN B 110 10.93 -2.56 -24.63
CA GLN B 110 11.14 -3.28 -25.87
C GLN B 110 11.05 -4.80 -25.76
N GLY B 111 11.27 -5.33 -24.55
CA GLY B 111 11.35 -6.76 -24.37
C GLY B 111 12.61 -7.35 -24.96
N THR B 112 12.72 -8.67 -24.87
CA THR B 112 13.89 -9.33 -25.45
C THR B 112 13.42 -10.61 -26.13
N GLN B 113 13.89 -10.85 -27.37
CA GLN B 113 13.40 -11.97 -28.20
C GLN B 113 14.05 -13.28 -27.82
N VAL B 114 13.24 -14.32 -27.66
CA VAL B 114 13.74 -15.67 -27.41
C VAL B 114 13.20 -16.61 -28.46
N THR B 115 14.08 -17.39 -29.08
CA THR B 115 13.73 -18.31 -30.17
C THR B 115 14.32 -19.69 -29.91
N VAL B 116 13.47 -20.73 -29.86
CA VAL B 116 13.94 -22.08 -29.60
C VAL B 116 13.75 -22.94 -30.86
#